data_1FPC
#
_entry.id   1FPC
#
_cell.length_a   72.100
_cell.length_b   72.600
_cell.length_c   73.800
_cell.angle_alpha   90.00
_cell.angle_beta   101.00
_cell.angle_gamma   90.00
#
_symmetry.space_group_name_H-M   'C 1 2 1'
#
loop_
_entity.id
_entity.type
_entity.pdbx_description
1 polymer thrombin
2 polymer thrombin
3 polymer Hirudin
4 non-polymer amino{[(4S)-4-({[5-(dimethylamino)naphthalen-1-yl]sulfonyl}amino)-5-(4-ethylpiperidin-1-yl)-5-oxopentyl]amino}methaniminium
5 water water
#
loop_
_entity_poly.entity_id
_entity_poly.type
_entity_poly.pdbx_seq_one_letter_code
_entity_poly.pdbx_strand_id
1 'polypeptide(L)' TFGSGEADCGLRPLFEKKSLEDKTERELLESYIDGR L
2 'polypeptide(L)'
;IVEGSDAEIGMSPWQVMLFRKSPQELLCGASLISDRWVLTAAHCLLYPPWDKNFTENDLLVRIGKHSRTRYERNIEKISM
LEKIYIHPRYNWRENLDRDIALMKLKKPVAFSDYIHPVCLPDRETAASLLQAGYKGRVTGWGNLKETWTANVGKGQPSVL
QVVNLPIVERPVCKDSTRIRITDNMFCAGYKPDEGKRGDACEGDSGGPFVMKSPFNNRWYQMGIVSWGEGCDRDGKYGFY
THVFRLKKWIQKVIDQFGE
;
H
3 'polypeptide(L)' NGDFEEIPEE(TYS)L I
#
loop_
_chem_comp.id
_chem_comp.type
_chem_comp.name
_chem_comp.formula
0ZI peptide-like amino{[(4S)-4-({[5-(dimethylamino)naphthalen-1-yl]sulfonyl}amino)-5-(4-ethylpiperidin-1-yl)-5-oxopentyl]amino}methaniminium 'C25 H39 N6 O3 S 1'
#
# COMPACT_ATOMS: atom_id res chain seq x y z
N ASP A 8 -19.63 -0.15 4.43
CA ASP A 8 -19.26 0.23 3.03
C ASP A 8 -17.84 0.02 2.50
N CYS A 9 -16.90 -0.14 3.42
CA CYS A 9 -15.50 -0.37 3.14
C CYS A 9 -15.41 -1.56 2.16
N GLY A 10 -14.34 -1.54 1.36
CA GLY A 10 -14.05 -2.53 0.38
C GLY A 10 -14.94 -2.71 -0.82
N LEU A 11 -16.05 -2.02 -1.05
CA LEU A 11 -16.88 -2.17 -2.27
C LEU A 11 -16.65 -0.97 -3.20
N ARG A 12 -16.07 -1.30 -4.35
CA ARG A 12 -15.75 -0.16 -5.27
C ARG A 12 -16.95 0.33 -6.07
N PRO A 13 -17.20 1.64 -6.07
CA PRO A 13 -18.25 2.24 -6.87
C PRO A 13 -18.25 1.75 -8.29
N LEU A 14 -17.12 1.63 -8.96
CA LEU A 14 -17.07 1.22 -10.37
C LEU A 14 -16.96 -0.25 -10.61
N PHE A 15 -17.01 -1.08 -9.60
CA PHE A 15 -16.85 -2.52 -9.90
C PHE A 15 -17.88 -3.26 -9.02
N GLU A 16 -17.66 -3.43 -7.74
CA GLU A 16 -18.55 -4.10 -6.82
C GLU A 16 -19.97 -3.49 -6.79
N LYS A 17 -20.04 -2.17 -6.70
CA LYS A 17 -21.33 -1.52 -6.68
C LYS A 17 -22.20 -1.77 -7.93
N LYS A 18 -21.63 -1.96 -9.10
CA LYS A 18 -22.36 -2.10 -10.37
C LYS A 18 -22.28 -3.55 -10.78
N SER A 19 -21.57 -4.31 -9.96
CA SER A 19 -21.39 -5.73 -10.34
C SER A 19 -20.43 -5.99 -11.51
N LEU A 20 -19.45 -5.14 -11.76
CA LEU A 20 -18.49 -5.35 -12.87
C LEU A 20 -17.21 -5.91 -12.23
N GLU A 21 -16.54 -6.83 -12.86
CA GLU A 21 -15.29 -7.43 -12.34
C GLU A 21 -14.09 -6.71 -12.96
N ASP A 22 -12.96 -6.53 -12.25
CA ASP A 22 -11.79 -5.89 -12.89
C ASP A 22 -11.07 -6.97 -13.71
N LYS A 23 -10.16 -6.57 -14.57
CA LYS A 23 -9.54 -7.50 -15.49
C LYS A 23 -8.75 -8.59 -14.80
N THR A 24 -8.28 -8.44 -13.55
CA THR A 24 -7.50 -9.63 -13.09
C THR A 24 -7.97 -10.20 -11.77
N GLU A 25 -9.08 -9.72 -11.25
CA GLU A 25 -9.46 -10.24 -9.91
C GLU A 25 -9.71 -11.75 -9.95
N ARG A 26 -10.06 -12.30 -11.09
CA ARG A 26 -10.28 -13.74 -11.23
C ARG A 26 -9.11 -14.59 -10.79
N GLU A 27 -7.90 -14.11 -10.98
CA GLU A 27 -6.63 -14.73 -10.61
C GLU A 27 -6.53 -14.83 -9.11
N LEU A 28 -6.94 -13.76 -8.40
CA LEU A 28 -6.94 -13.83 -6.92
C LEU A 28 -7.90 -14.97 -6.50
N LEU A 29 -9.11 -14.87 -7.07
CA LEU A 29 -10.13 -15.82 -6.59
C LEU A 29 -9.79 -17.27 -6.90
N GLU A 30 -9.26 -17.55 -8.05
CA GLU A 30 -8.86 -18.86 -8.48
C GLU A 30 -7.73 -19.40 -7.61
N SER A 31 -7.09 -18.47 -6.88
CA SER A 31 -5.94 -18.94 -6.03
C SER A 31 -6.43 -19.34 -4.64
N TYR A 32 -7.55 -18.84 -4.21
CA TYR A 32 -8.06 -19.13 -2.85
C TYR A 32 -8.60 -20.56 -2.87
N ILE A 33 -7.62 -21.44 -2.79
CA ILE A 33 -7.80 -22.91 -2.82
C ILE A 33 -7.49 -23.30 -4.27
N ILE B 1 6.41 -0.37 -9.36
CA ILE B 1 6.13 -1.76 -9.71
C ILE B 1 6.88 -2.21 -10.98
N VAL B 2 7.35 -3.47 -10.85
CA VAL B 2 8.06 -4.21 -11.86
C VAL B 2 7.20 -5.35 -12.41
N GLU B 3 6.93 -5.40 -13.69
CA GLU B 3 6.18 -6.52 -14.30
C GLU B 3 4.68 -6.41 -14.06
N GLY B 4 4.23 -5.20 -13.79
CA GLY B 4 2.82 -4.93 -13.51
C GLY B 4 2.14 -4.43 -14.77
N SER B 5 1.03 -3.73 -14.60
CA SER B 5 0.30 -3.10 -15.70
C SER B 5 -0.42 -1.89 -15.14
N ASP B 6 -1.02 -1.26 -16.18
CA ASP B 6 -1.74 -0.01 -15.77
C ASP B 6 -3.03 -0.51 -15.10
N ALA B 7 -3.35 0.20 -14.08
CA ALA B 7 -4.60 -0.06 -13.35
C ALA B 7 -5.74 0.49 -14.26
N GLU B 8 -6.97 -0.01 -14.08
CA GLU B 8 -8.13 0.59 -14.78
C GLU B 8 -8.55 1.75 -13.90
N ILE B 9 -9.50 2.54 -14.33
CA ILE B 9 -9.95 3.70 -13.47
C ILE B 9 -10.76 3.17 -12.28
N GLY B 10 -10.64 3.80 -11.15
CA GLY B 10 -11.30 3.35 -9.88
C GLY B 10 -10.93 1.90 -9.55
N MET B 11 -9.89 1.32 -10.13
CA MET B 11 -9.61 -0.09 -9.70
C MET B 11 -9.19 -0.20 -8.25
N SER B 12 -8.59 0.85 -7.74
CA SER B 12 -7.99 0.85 -6.38
C SER B 12 -8.22 2.19 -5.71
N PRO B 13 -9.47 2.40 -5.26
CA PRO B 13 -9.96 3.68 -4.74
C PRO B 13 -9.37 4.12 -3.42
N TRP B 14 -8.74 3.20 -2.72
CA TRP B 14 -8.10 3.61 -1.40
C TRP B 14 -6.67 4.15 -1.56
N GLN B 15 -6.11 4.03 -2.77
CA GLN B 15 -4.72 4.39 -3.14
C GLN B 15 -4.46 5.88 -2.94
N VAL B 16 -3.40 6.12 -2.13
CA VAL B 16 -3.05 7.50 -1.82
C VAL B 16 -1.62 7.82 -2.23
N MET B 17 -1.30 9.06 -2.51
CA MET B 17 0.10 9.38 -2.91
C MET B 17 0.62 10.31 -1.83
N LEU B 18 1.73 9.97 -1.26
CA LEU B 18 2.40 10.84 -0.24
C LEU B 18 3.20 11.83 -1.13
N PHE B 19 2.95 13.11 -0.95
CA PHE B 19 3.66 14.03 -1.87
C PHE B 19 4.44 15.09 -1.14
N ARG B 20 5.69 15.25 -1.55
CA ARG B 20 6.53 16.33 -0.98
C ARG B 20 6.23 17.68 -1.62
N LYS B 21 6.15 18.66 -0.71
CA LYS B 21 5.82 20.03 -1.17
C LYS B 21 7.05 20.75 -1.75
N SER B 22 8.23 20.42 -1.22
CA SER B 22 9.37 21.21 -1.76
C SER B 22 10.68 20.58 -1.36
N PRO B 23 11.35 19.97 -2.32
CA PRO B 23 10.93 19.83 -3.69
C PRO B 23 9.59 19.07 -3.78
N GLN B 24 8.76 19.40 -4.72
CA GLN B 24 7.49 18.69 -4.92
C GLN B 24 7.98 17.34 -5.47
N GLU B 25 7.52 16.28 -4.86
CA GLU B 25 8.00 14.95 -5.35
C GLU B 25 7.19 13.83 -4.71
N LEU B 26 7.08 12.72 -5.43
CA LEU B 26 6.40 11.56 -4.90
C LEU B 26 7.28 11.00 -3.77
N LEU B 27 6.57 10.87 -2.64
CA LEU B 27 7.23 10.32 -1.46
C LEU B 27 7.02 8.83 -1.31
N CYS B 28 5.77 8.39 -1.21
CA CYS B 28 5.38 6.99 -1.00
C CYS B 28 3.92 6.84 -1.45
N GLY B 29 3.48 5.61 -1.29
CA GLY B 29 2.08 5.17 -1.51
C GLY B 29 1.49 5.17 -0.07
N ALA B 30 0.23 4.89 0.01
CA ALA B 30 -0.46 4.87 1.36
C ALA B 30 -1.91 4.42 1.04
N SER B 31 -2.77 4.30 2.05
CA SER B 31 -4.14 3.80 1.80
C SER B 31 -5.16 4.54 2.66
N LEU B 32 -6.36 4.70 2.07
CA LEU B 32 -7.42 5.45 2.78
C LEU B 32 -8.25 4.39 3.55
N ILE B 33 -8.28 4.60 4.85
CA ILE B 33 -9.05 3.61 5.65
C ILE B 33 -10.32 4.18 6.24
N SER B 34 -10.56 5.44 6.27
CA SER B 34 -11.81 6.04 6.80
C SER B 34 -11.89 7.40 6.11
N ASP B 35 -12.75 8.33 6.41
CA ASP B 35 -12.67 9.62 5.69
C ASP B 35 -11.64 10.59 6.26
N ARG B 36 -10.94 10.25 7.32
CA ARG B 36 -9.91 11.09 7.95
C ARG B 36 -8.59 10.38 8.27
N TRP B 37 -8.44 9.12 7.93
CA TRP B 37 -7.27 8.32 8.28
C TRP B 37 -6.69 7.63 7.05
N VAL B 38 -5.36 7.78 7.05
CA VAL B 38 -4.46 7.25 6.03
C VAL B 38 -3.45 6.32 6.66
N LEU B 39 -3.26 5.17 6.01
CA LEU B 39 -2.29 4.17 6.51
C LEU B 39 -1.11 4.06 5.51
N THR B 40 0.07 4.10 6.16
CA THR B 40 1.37 4.01 5.47
C THR B 40 2.46 3.35 6.28
N ALA B 41 3.68 3.24 5.67
CA ALA B 41 4.82 2.60 6.40
C ALA B 41 5.57 3.67 7.17
N ALA B 42 6.05 3.32 8.35
CA ALA B 42 6.81 4.28 9.21
C ALA B 42 8.10 4.73 8.49
N HIS B 43 8.63 3.79 7.65
CA HIS B 43 9.84 4.18 6.93
C HIS B 43 9.67 5.32 5.90
N CYS B 44 8.44 5.64 5.55
CA CYS B 44 8.15 6.74 4.63
C CYS B 44 8.37 8.09 5.32
N LEU B 45 8.32 8.10 6.67
CA LEU B 45 8.49 9.32 7.44
C LEU B 45 9.80 9.54 8.16
N LEU B 46 10.28 8.48 8.77
CA LEU B 46 11.42 8.37 9.62
C LEU B 46 12.34 7.18 9.35
N TYR B 47 13.57 7.63 9.02
CA TYR B 47 14.68 6.68 8.78
C TYR B 47 15.99 7.42 9.11
N PRO B 48 16.28 7.52 10.40
CA PRO B 48 17.45 8.30 10.85
C PRO B 48 18.78 8.01 10.19
N PRO B 49 19.07 6.76 9.86
CA PRO B 49 20.33 6.45 9.16
C PRO B 49 20.47 7.28 7.90
N TRP B 50 19.38 7.53 7.16
CA TRP B 50 19.51 8.37 5.94
C TRP B 50 19.05 9.79 6.30
N ASP B 51 19.11 10.23 7.51
CA ASP B 51 18.61 11.58 7.84
C ASP B 51 17.19 11.94 7.43
N LYS B 52 16.28 10.99 7.35
CA LYS B 52 14.87 11.19 7.01
C LYS B 52 14.00 11.36 8.26
N ASN B 53 13.20 12.42 8.22
CA ASN B 53 12.29 12.71 9.34
C ASN B 53 11.31 13.81 8.93
N PHE B 54 10.31 13.39 8.20
CA PHE B 54 9.27 14.32 7.73
C PHE B 54 8.24 14.59 8.82
N THR B 55 7.84 15.85 8.89
CA THR B 55 6.77 16.27 9.82
C THR B 55 5.52 16.58 8.97
N GLU B 56 4.42 16.87 9.61
CA GLU B 56 3.15 17.20 8.95
C GLU B 56 3.22 18.34 7.94
N ASN B 57 4.02 19.40 8.17
CA ASN B 57 3.94 20.44 7.12
C ASN B 57 4.84 20.13 5.92
N ASP B 58 5.58 19.05 6.01
CA ASP B 58 6.47 18.82 4.86
C ASP B 58 5.59 18.15 3.79
N LEU B 59 4.46 17.64 4.24
CA LEU B 59 3.58 16.83 3.40
C LEU B 59 2.17 17.27 3.06
N LEU B 60 1.71 16.63 2.01
CA LEU B 60 0.46 16.63 1.33
C LEU B 60 0.08 15.15 0.98
N VAL B 61 -1.20 15.01 0.95
CA VAL B 61 -1.91 13.77 0.65
C VAL B 61 -2.82 14.08 -0.56
N ARG B 62 -2.65 13.31 -1.59
CA ARG B 62 -3.31 13.30 -2.86
C ARG B 62 -4.10 12.01 -3.04
N ILE B 63 -5.44 12.16 -3.00
CA ILE B 63 -6.37 11.01 -3.12
C ILE B 63 -7.13 11.06 -4.42
N GLY B 64 -7.44 9.93 -5.07
CA GLY B 64 -8.20 9.95 -6.30
C GLY B 64 -7.41 9.98 -7.60
N LYS B 65 -6.10 9.89 -7.44
CA LYS B 65 -5.21 9.94 -8.64
C LYS B 65 -5.17 8.60 -9.39
N HIS B 66 -4.82 8.80 -10.65
CA HIS B 66 -4.61 7.82 -11.69
C HIS B 66 -3.24 8.17 -12.33
N SER B 67 -3.09 9.45 -12.69
CA SER B 67 -1.76 9.83 -13.28
C SER B 67 -0.76 10.07 -12.14
N ARG B 68 0.51 9.74 -12.35
CA ARG B 68 1.64 9.97 -11.48
C ARG B 68 1.92 11.48 -11.25
N THR B 69 2.16 12.15 -12.34
CA THR B 69 2.56 13.55 -12.55
C THR B 69 1.58 14.68 -12.72
N ARG B 70 0.39 14.43 -13.26
CA ARG B 70 -0.62 15.50 -13.44
C ARG B 70 -1.56 15.80 -12.29
N TYR B 71 -1.99 17.10 -12.33
CA TYR B 71 -2.96 17.56 -11.30
C TYR B 71 -4.36 17.19 -11.83
N GLU B 72 -4.97 16.09 -11.39
CA GLU B 72 -6.25 15.64 -11.98
C GLU B 72 -7.40 16.52 -11.48
N ARG B 73 -7.53 17.55 -12.32
CA ARG B 73 -8.39 18.69 -12.25
C ARG B 73 -9.74 18.31 -11.69
N ASN B 74 -10.71 17.54 -12.00
CA ASN B 74 -11.77 17.62 -10.86
C ASN B 74 -11.93 16.22 -10.27
N ILE B 75 -10.85 15.46 -10.24
CA ILE B 75 -10.80 14.06 -9.86
C ILE B 75 -10.14 13.90 -8.49
N GLU B 76 -8.92 14.37 -8.29
CA GLU B 76 -8.24 14.23 -7.00
C GLU B 76 -8.53 15.31 -6.00
N LYS B 77 -8.30 14.96 -4.72
CA LYS B 77 -8.40 15.90 -3.61
C LYS B 77 -7.05 15.92 -2.89
N ILE B 78 -6.55 17.11 -2.59
CA ILE B 78 -5.30 17.25 -1.89
C ILE B 78 -5.73 17.51 -0.43
N SER B 79 -5.00 16.91 0.50
CA SER B 79 -5.34 17.14 1.92
C SER B 79 -4.07 17.47 2.71
N MET B 80 -4.33 18.18 3.79
CA MET B 80 -3.24 18.57 4.74
C MET B 80 -3.37 17.54 5.87
N LEU B 81 -2.24 17.33 6.56
CA LEU B 81 -2.29 16.33 7.67
C LEU B 81 -2.49 17.03 8.98
N GLU B 82 -3.31 16.50 9.84
CA GLU B 82 -3.41 17.09 11.17
C GLU B 82 -2.27 16.57 12.07
N LYS B 83 -2.02 15.27 12.10
CA LYS B 83 -1.00 14.69 12.98
C LYS B 83 -0.53 13.38 12.38
N ILE B 84 0.64 12.96 12.75
CA ILE B 84 1.31 11.72 12.26
C ILE B 84 1.52 10.82 13.48
N TYR B 85 1.30 9.54 13.36
CA TYR B 85 1.51 8.59 14.46
C TYR B 85 2.34 7.40 13.93
N ILE B 86 3.47 7.19 14.64
CA ILE B 86 4.38 6.11 14.32
C ILE B 86 4.29 4.94 15.30
N HIS B 87 4.51 3.69 14.88
CA HIS B 87 4.44 2.67 15.96
C HIS B 87 5.50 3.06 16.99
N PRO B 88 5.20 2.92 18.28
CA PRO B 88 6.17 3.28 19.35
C PRO B 88 7.37 2.30 19.35
N ARG B 89 7.22 1.12 18.83
CA ARG B 89 8.25 0.10 18.72
C ARG B 89 8.69 -0.30 17.31
N TYR B 90 8.47 0.59 16.36
CA TYR B 90 8.96 0.30 14.97
C TYR B 90 10.50 0.19 15.09
N ASN B 91 11.12 -0.79 14.50
CA ASN B 91 12.62 -0.90 14.72
C ASN B 91 13.43 -0.46 13.50
N TRP B 92 13.76 0.84 13.47
CA TRP B 92 14.59 1.33 12.34
C TRP B 92 16.03 0.90 12.57
N ARG B 93 16.43 0.61 13.81
CA ARG B 93 17.83 0.22 14.07
C ARG B 93 18.14 -1.12 13.44
N GLU B 94 17.22 -2.04 13.25
CA GLU B 94 17.68 -3.32 12.63
C GLU B 94 16.89 -3.87 11.47
N ASN B 95 15.56 -4.04 11.57
CA ASN B 95 14.84 -4.76 10.51
C ASN B 95 13.53 -4.17 10.07
N LEU B 96 13.24 -2.96 10.56
CA LEU B 96 11.97 -2.29 10.18
C LEU B 96 10.80 -3.08 10.76
N ASP B 97 11.01 -3.69 11.93
CA ASP B 97 9.91 -4.39 12.63
C ASP B 97 8.82 -3.32 12.97
N ARG B 98 7.54 -3.78 12.83
CA ARG B 98 6.42 -2.86 13.04
C ARG B 98 6.50 -1.66 12.09
N ASP B 99 6.75 -1.92 10.81
CA ASP B 99 6.87 -0.70 9.91
C ASP B 99 5.47 -0.12 9.61
N ILE B 100 5.03 0.79 10.50
CA ILE B 100 3.66 1.32 10.34
C ILE B 100 3.46 2.68 10.98
N ALA B 101 2.50 3.38 10.33
CA ALA B 101 2.15 4.73 10.82
C ALA B 101 0.79 5.09 10.18
N LEU B 102 0.09 5.89 11.01
CA LEU B 102 -1.18 6.52 10.75
C LEU B 102 -1.02 8.05 10.59
N MET B 103 -1.81 8.59 9.72
CA MET B 103 -1.89 10.00 9.34
C MET B 103 -3.38 10.43 9.40
N LYS B 104 -3.62 11.37 10.29
CA LYS B 104 -4.92 11.96 10.54
C LYS B 104 -5.11 13.21 9.68
N LEU B 105 -6.20 13.23 8.90
CA LEU B 105 -6.35 14.38 7.96
C LEU B 105 -6.93 15.59 8.64
N LYS B 106 -6.48 16.76 8.29
CA LYS B 106 -7.02 18.05 8.77
C LYS B 106 -8.55 18.05 8.74
N LYS B 107 -9.15 17.62 7.63
CA LYS B 107 -10.60 17.53 7.41
C LYS B 107 -10.97 16.24 6.65
N PRO B 108 -12.15 15.70 6.91
CA PRO B 108 -12.66 14.51 6.25
C PRO B 108 -12.78 14.75 4.75
N VAL B 109 -12.44 13.67 4.07
CA VAL B 109 -12.48 13.67 2.61
C VAL B 109 -13.82 13.08 2.20
N ALA B 110 -14.23 13.52 1.02
CA ALA B 110 -15.53 13.09 0.47
C ALA B 110 -15.32 11.89 -0.46
N PHE B 111 -16.13 10.88 -0.24
CA PHE B 111 -16.07 9.66 -1.07
C PHE B 111 -16.67 10.04 -2.43
N SER B 112 -16.35 9.14 -3.35
CA SER B 112 -16.77 9.32 -4.76
C SER B 112 -16.42 8.07 -5.53
N ASP B 113 -16.71 8.14 -6.82
CA ASP B 113 -16.37 7.00 -7.67
C ASP B 113 -14.84 6.76 -7.61
N TYR B 114 -14.08 7.79 -7.32
CA TYR B 114 -12.62 7.51 -7.40
C TYR B 114 -11.93 7.39 -6.06
N ILE B 115 -12.75 7.55 -5.02
CA ILE B 115 -12.30 7.59 -3.66
C ILE B 115 -13.21 6.86 -2.65
N HIS B 116 -12.61 5.72 -2.26
CA HIS B 116 -13.42 4.93 -1.28
C HIS B 116 -12.46 4.16 -0.40
N PRO B 117 -12.76 3.95 0.89
CA PRO B 117 -11.85 3.27 1.82
C PRO B 117 -11.83 1.76 1.58
N VAL B 118 -10.78 1.15 2.11
CA VAL B 118 -10.60 -0.31 2.06
C VAL B 118 -10.91 -0.78 3.50
N CYS B 119 -11.28 -2.05 3.69
CA CYS B 119 -11.51 -2.56 5.05
C CYS B 119 -10.19 -3.03 5.71
N LEU B 120 -10.22 -3.06 6.99
CA LEU B 120 -9.19 -3.67 7.85
C LEU B 120 -9.70 -5.08 8.22
N PRO B 121 -8.75 -6.02 8.10
CA PRO B 121 -9.05 -7.41 8.36
C PRO B 121 -9.44 -7.62 9.85
N ASP B 122 -10.19 -8.68 10.06
CA ASP B 122 -10.57 -9.12 11.42
C ASP B 122 -9.83 -10.44 11.65
N ARG B 123 -9.73 -10.94 12.89
CA ARG B 123 -8.98 -12.19 13.16
C ARG B 123 -9.30 -13.33 12.19
N GLU B 124 -10.58 -13.43 11.85
CA GLU B 124 -11.03 -14.53 11.02
C GLU B 124 -10.70 -14.29 9.56
N THR B 125 -10.79 -13.03 9.10
CA THR B 125 -10.42 -12.82 7.68
C THR B 125 -8.89 -13.09 7.51
N ALA B 126 -8.15 -12.66 8.52
CA ALA B 126 -6.68 -12.90 8.51
C ALA B 126 -6.40 -14.41 8.45
N ALA B 127 -7.11 -15.09 9.37
CA ALA B 127 -6.96 -16.54 9.51
C ALA B 127 -7.17 -17.20 8.16
N SER B 128 -8.34 -17.10 7.60
CA SER B 128 -8.57 -17.79 6.32
C SER B 128 -7.88 -17.21 5.09
N LEU B 129 -7.35 -15.99 5.05
CA LEU B 129 -6.72 -15.54 3.79
C LEU B 129 -5.22 -15.54 3.76
N LEU B 130 -4.56 -15.28 4.89
CA LEU B 130 -3.09 -15.29 4.93
C LEU B 130 -2.51 -16.72 4.86
N GLN B 131 -2.31 -17.15 3.64
CA GLN B 131 -1.91 -18.55 3.38
C GLN B 131 -1.02 -18.74 2.16
N ALA B 132 0.06 -19.53 2.27
CA ALA B 132 1.04 -19.68 1.16
C ALA B 132 0.32 -20.08 -0.11
N GLY B 133 0.59 -19.46 -1.20
CA GLY B 133 -0.06 -19.71 -2.50
C GLY B 133 -1.19 -18.74 -2.86
N TYR B 134 -1.80 -18.16 -1.83
CA TYR B 134 -2.93 -17.23 -2.20
C TYR B 134 -2.31 -15.98 -2.78
N LYS B 135 -3.08 -15.34 -3.64
CA LYS B 135 -2.53 -14.11 -4.26
C LYS B 135 -3.19 -12.87 -3.68
N GLY B 136 -2.42 -11.85 -3.46
CA GLY B 136 -2.85 -10.54 -3.03
C GLY B 136 -2.44 -9.61 -4.21
N ARG B 137 -2.77 -8.34 -4.06
CA ARG B 137 -2.49 -7.36 -5.12
C ARG B 137 -1.80 -6.15 -4.51
N VAL B 138 -0.77 -5.70 -5.24
CA VAL B 138 -0.02 -4.51 -4.82
C VAL B 138 -0.15 -3.41 -5.89
N THR B 139 -0.23 -2.17 -5.48
CA THR B 139 -0.34 -1.13 -6.47
C THR B 139 0.58 0.04 -6.11
N GLY B 140 0.95 0.86 -7.10
CA GLY B 140 1.78 2.01 -6.74
C GLY B 140 2.38 2.63 -8.02
N TRP B 141 2.90 3.78 -7.78
CA TRP B 141 3.55 4.63 -8.76
C TRP B 141 5.08 4.50 -8.72
N GLY B 142 5.70 3.58 -7.97
CA GLY B 142 7.15 3.42 -7.92
C GLY B 142 7.74 3.02 -9.29
N ASN B 143 9.06 2.83 -9.22
CA ASN B 143 9.93 2.47 -10.34
C ASN B 143 9.49 1.20 -11.06
N LEU B 144 9.70 1.23 -12.40
CA LEU B 144 9.29 0.03 -13.15
C LEU B 144 10.38 -1.04 -13.24
N LYS B 145 11.53 -0.73 -12.69
CA LYS B 145 12.73 -1.61 -12.75
C LYS B 145 13.79 -1.16 -11.73
N GLU B 146 14.55 -2.14 -11.27
CA GLU B 146 15.49 -1.91 -10.17
C GLU B 146 16.50 -0.83 -10.52
N GLY B 155 11.39 3.71 -16.13
CA GLY B 155 11.64 3.61 -14.69
C GLY B 155 10.50 4.23 -13.90
N GLN B 156 9.87 5.19 -14.55
CA GLN B 156 8.70 5.92 -13.99
C GLN B 156 7.51 5.84 -14.96
N PRO B 157 6.43 5.30 -14.37
CA PRO B 157 5.18 5.01 -15.08
C PRO B 157 4.36 6.27 -15.34
N SER B 158 3.40 6.18 -16.24
CA SER B 158 2.62 7.46 -16.40
C SER B 158 1.39 7.36 -15.49
N VAL B 159 0.94 6.17 -15.27
CA VAL B 159 -0.29 5.84 -14.52
C VAL B 159 0.00 4.70 -13.53
N LEU B 160 -0.78 4.74 -12.47
CA LEU B 160 -0.72 3.70 -11.43
C LEU B 160 -0.68 2.30 -12.09
N GLN B 161 0.16 1.48 -11.48
CA GLN B 161 0.48 0.09 -11.86
C GLN B 161 -0.05 -0.88 -10.80
N VAL B 162 -0.21 -2.12 -11.24
CA VAL B 162 -0.75 -3.14 -10.33
C VAL B 162 -0.13 -4.49 -10.67
N VAL B 163 0.18 -5.26 -9.64
CA VAL B 163 0.68 -6.64 -9.85
C VAL B 163 -0.02 -7.53 -8.81
N ASN B 164 -0.07 -8.80 -9.04
CA ASN B 164 -0.71 -9.80 -8.15
C ASN B 164 0.34 -10.84 -7.84
N LEU B 165 0.58 -11.10 -6.60
CA LEU B 165 1.64 -12.03 -6.16
C LEU B 165 1.13 -13.05 -5.16
N PRO B 166 1.81 -14.17 -5.14
CA PRO B 166 1.41 -15.23 -4.18
C PRO B 166 2.16 -15.02 -2.86
N ILE B 167 1.60 -15.38 -1.76
CA ILE B 167 2.27 -15.31 -0.48
C ILE B 167 3.17 -16.58 -0.43
N VAL B 168 4.24 -16.33 0.27
CA VAL B 168 5.31 -17.32 0.46
C VAL B 168 5.38 -17.73 1.94
N GLU B 169 5.60 -19.04 2.03
CA GLU B 169 5.80 -19.75 3.32
C GLU B 169 6.94 -19.13 4.12
N ARG B 170 6.76 -19.08 5.42
CA ARG B 170 7.76 -18.44 6.27
C ARG B 170 9.20 -18.91 6.02
N PRO B 171 9.43 -20.21 6.08
CA PRO B 171 10.76 -20.81 5.88
C PRO B 171 11.52 -20.28 4.69
N VAL B 172 10.84 -20.25 3.56
CA VAL B 172 11.46 -19.73 2.33
C VAL B 172 11.84 -18.26 2.53
N CYS B 173 10.82 -17.56 3.09
CA CYS B 173 10.98 -16.13 3.36
C CYS B 173 12.36 -15.94 4.04
N LYS B 174 12.48 -16.69 5.12
CA LYS B 174 13.64 -16.72 5.99
C LYS B 174 14.97 -17.08 5.31
N ASP B 175 14.95 -18.16 4.54
CA ASP B 175 16.05 -18.75 3.83
C ASP B 175 16.54 -17.91 2.65
N SER B 176 15.74 -16.90 2.39
CA SER B 176 16.09 -15.96 1.32
C SER B 176 16.95 -14.84 1.86
N THR B 177 17.13 -14.57 3.13
CA THR B 177 17.92 -13.29 3.42
C THR B 177 18.72 -13.51 4.69
N ARG B 178 19.39 -12.47 5.13
CA ARG B 178 20.17 -12.56 6.38
C ARG B 178 19.48 -11.70 7.41
N ILE B 179 18.43 -10.96 7.00
CA ILE B 179 17.70 -10.13 8.01
C ILE B 179 16.82 -11.03 8.90
N ARG B 180 16.85 -10.65 10.16
CA ARG B 180 16.01 -11.31 11.17
C ARG B 180 14.54 -11.02 10.82
N ILE B 181 13.70 -11.98 10.60
CA ILE B 181 12.25 -11.87 10.19
C ILE B 181 11.38 -11.99 11.43
N THR B 182 10.40 -11.15 11.66
CA THR B 182 9.55 -11.21 12.86
C THR B 182 8.16 -11.70 12.47
N ASP B 183 7.32 -11.94 13.45
CA ASP B 183 5.92 -12.38 13.23
C ASP B 183 5.07 -11.23 12.65
N ASN B 184 5.53 -10.00 12.84
CA ASN B 184 4.93 -8.81 12.30
C ASN B 184 5.29 -8.71 10.82
N MET B 185 5.80 -9.74 10.14
CA MET B 185 6.08 -9.60 8.71
C MET B 185 5.67 -10.85 7.93
N PHE B 186 5.51 -10.64 6.63
CA PHE B 186 5.20 -11.74 5.71
C PHE B 186 5.89 -11.39 4.37
N CYS B 187 6.09 -12.43 3.54
CA CYS B 187 6.72 -12.13 2.23
C CYS B 187 5.85 -12.73 1.10
N ALA B 188 5.95 -12.14 -0.06
CA ALA B 188 5.24 -12.50 -1.30
C ALA B 188 6.12 -12.34 -2.55
N GLY B 189 5.89 -13.15 -3.58
CA GLY B 189 6.59 -13.14 -4.85
C GLY B 189 6.60 -14.54 -5.40
N TYR B 190 6.83 -14.67 -6.71
CA TYR B 190 6.99 -16.06 -7.22
C TYR B 190 8.46 -16.46 -6.95
N LYS B 191 8.68 -17.70 -7.13
CA LYS B 191 9.94 -18.42 -7.06
C LYS B 191 10.57 -18.51 -8.45
N PRO B 192 11.88 -18.74 -8.43
CA PRO B 192 12.64 -18.82 -9.69
C PRO B 192 12.05 -19.84 -10.66
N ASP B 193 11.57 -20.93 -10.13
CA ASP B 193 10.94 -22.02 -10.84
C ASP B 193 9.64 -21.53 -11.49
N GLU B 194 8.81 -20.94 -10.68
CA GLU B 194 7.47 -20.51 -11.01
C GLU B 194 7.41 -19.87 -12.37
N GLY B 195 8.50 -19.26 -12.81
CA GLY B 195 8.45 -18.67 -14.17
C GLY B 195 7.29 -17.70 -14.30
N LYS B 196 7.29 -16.70 -13.42
CA LYS B 196 6.24 -15.63 -13.43
C LYS B 196 6.93 -14.60 -12.55
N ARG B 197 6.71 -13.30 -12.79
CA ARG B 197 7.43 -12.36 -11.90
C ARG B 197 6.72 -11.08 -11.53
N GLY B 198 7.42 -10.16 -10.90
CA GLY B 198 6.97 -8.86 -10.46
C GLY B 198 7.34 -8.66 -8.96
N ASP B 199 7.25 -7.38 -8.59
CA ASP B 199 7.52 -6.93 -7.21
C ASP B 199 7.18 -5.44 -7.06
N ALA B 200 7.26 -5.07 -5.79
CA ALA B 200 7.15 -3.62 -5.45
C ALA B 200 8.58 -3.11 -5.84
N CYS B 201 8.81 -1.84 -5.79
CA CYS B 201 10.10 -1.22 -6.15
C CYS B 201 10.18 0.13 -5.46
N GLU B 202 11.29 0.84 -5.67
CA GLU B 202 11.37 2.17 -4.96
C GLU B 202 10.13 3.03 -5.26
N GLY B 203 9.59 3.77 -4.31
CA GLY B 203 8.46 4.68 -4.56
C GLY B 203 7.11 4.00 -4.33
N ASP B 204 7.11 2.67 -4.34
CA ASP B 204 5.95 1.86 -3.99
C ASP B 204 5.74 1.79 -2.46
N SER B 205 6.80 1.84 -1.69
CA SER B 205 6.73 1.87 -0.23
C SER B 205 5.50 2.57 0.33
N GLY B 206 4.96 1.89 1.35
CA GLY B 206 3.81 2.38 2.12
C GLY B 206 2.47 2.08 1.43
N GLY B 207 2.32 1.60 0.24
CA GLY B 207 1.05 1.22 -0.40
C GLY B 207 0.46 -0.03 0.24
N PRO B 208 -0.77 -0.37 -0.22
CA PRO B 208 -1.45 -1.52 0.38
C PRO B 208 -1.17 -2.82 -0.35
N PHE B 209 -1.12 -3.92 0.41
CA PHE B 209 -1.10 -5.25 -0.27
C PHE B 209 -2.57 -5.72 0.06
N VAL B 210 -3.38 -5.90 -0.96
CA VAL B 210 -4.79 -6.27 -0.70
C VAL B 210 -5.27 -7.61 -1.16
N MET B 211 -6.30 -8.08 -0.43
CA MET B 211 -6.98 -9.34 -0.80
C MET B 211 -8.48 -9.08 -0.92
N LYS B 212 -9.10 -9.91 -1.76
CA LYS B 212 -10.56 -9.79 -1.92
C LYS B 212 -11.22 -11.01 -1.24
N SER B 213 -12.04 -10.77 -0.22
CA SER B 213 -12.66 -11.98 0.38
C SER B 213 -13.69 -12.66 -0.52
N PRO B 214 -13.59 -13.98 -0.55
CA PRO B 214 -14.51 -14.81 -1.40
C PRO B 214 -15.87 -15.05 -0.68
N PHE B 215 -15.91 -14.70 0.62
CA PHE B 215 -17.15 -14.93 1.40
C PHE B 215 -18.05 -13.68 1.34
N ASN B 216 -17.36 -12.54 1.29
CA ASN B 216 -18.24 -11.32 1.30
C ASN B 216 -18.00 -10.37 0.16
N ASN B 217 -17.05 -10.67 -0.74
CA ASN B 217 -16.71 -9.90 -1.96
C ASN B 217 -16.19 -8.52 -1.66
N ARG B 218 -15.63 -8.35 -0.49
CA ARG B 218 -15.00 -7.17 0.01
C ARG B 218 -13.47 -7.15 -0.06
N TRP B 219 -12.94 -5.94 -0.35
CA TRP B 219 -11.44 -5.87 -0.34
C TRP B 219 -10.91 -5.55 1.07
N TYR B 220 -9.86 -6.24 1.46
CA TYR B 220 -9.11 -6.16 2.69
C TYR B 220 -7.64 -5.83 2.60
N GLN B 221 -7.15 -4.93 3.43
CA GLN B 221 -5.72 -4.60 3.42
C GLN B 221 -4.94 -5.54 4.38
N MET B 222 -4.32 -6.58 3.85
CA MET B 222 -3.46 -7.49 4.55
C MET B 222 -2.08 -6.94 4.87
N GLY B 223 -1.38 -6.21 3.98
CA GLY B 223 -0.05 -5.65 4.25
C GLY B 223 0.11 -4.24 3.70
N ILE B 224 1.11 -3.59 4.13
CA ILE B 224 1.82 -2.36 3.74
C ILE B 224 3.18 -2.76 3.13
N VAL B 225 3.52 -2.17 1.98
CA VAL B 225 4.82 -2.43 1.29
C VAL B 225 5.94 -1.90 2.21
N SER B 226 6.61 -2.86 2.85
CA SER B 226 7.70 -2.56 3.79
C SER B 226 9.04 -2.40 3.09
N TRP B 227 9.85 -3.48 3.06
CA TRP B 227 11.23 -3.42 2.48
C TRP B 227 11.51 -4.61 1.52
N GLY B 228 12.74 -4.69 0.95
CA GLY B 228 13.12 -5.78 -0.01
C GLY B 228 14.54 -5.53 -0.53
N GLU B 229 15.16 -6.60 -1.01
CA GLU B 229 16.53 -6.54 -1.51
C GLU B 229 16.54 -6.48 -3.05
N GLY B 230 16.47 -5.22 -3.42
CA GLY B 230 16.32 -4.95 -4.89
C GLY B 230 14.80 -4.96 -5.22
N CYS B 231 14.57 -5.12 -6.52
CA CYS B 231 13.25 -5.11 -7.15
C CYS B 231 13.22 -6.30 -8.09
N ASP B 232 12.54 -7.37 -7.86
CA ASP B 232 12.39 -8.52 -8.73
C ASP B 232 13.60 -9.42 -8.98
N ARG B 233 14.44 -9.55 -7.99
CA ARG B 233 15.65 -10.36 -7.98
C ARG B 233 15.30 -11.83 -7.75
N ASP B 234 15.77 -12.74 -8.59
CA ASP B 234 15.48 -14.19 -8.43
C ASP B 234 15.91 -14.63 -7.03
N GLY B 235 15.04 -15.36 -6.36
CA GLY B 235 15.27 -15.88 -5.04
C GLY B 235 15.20 -14.83 -3.93
N LYS B 236 14.66 -13.67 -4.23
CA LYS B 236 14.36 -12.60 -3.29
C LYS B 236 12.82 -12.36 -3.29
N TYR B 237 12.37 -11.83 -2.14
CA TYR B 237 10.98 -11.53 -1.94
C TYR B 237 10.70 -10.18 -1.31
N GLY B 238 9.61 -9.59 -1.79
CA GLY B 238 9.16 -8.31 -1.15
C GLY B 238 8.59 -8.72 0.23
N PHE B 239 8.82 -7.80 1.15
CA PHE B 239 8.36 -7.91 2.55
C PHE B 239 7.35 -6.80 2.86
N TYR B 240 6.34 -7.20 3.62
CA TYR B 240 5.18 -6.42 4.04
C TYR B 240 4.86 -6.53 5.52
N THR B 241 4.34 -5.41 6.00
CA THR B 241 3.87 -5.26 7.37
C THR B 241 2.55 -6.05 7.52
N HIS B 242 2.59 -6.89 8.56
CA HIS B 242 1.43 -7.77 8.88
C HIS B 242 0.33 -6.86 9.49
N VAL B 243 -0.57 -6.37 8.66
CA VAL B 243 -1.55 -5.42 9.20
C VAL B 243 -2.33 -6.07 10.37
N PHE B 244 -2.80 -7.30 10.19
CA PHE B 244 -3.63 -7.90 11.22
C PHE B 244 -3.00 -7.85 12.61
N ARG B 245 -1.75 -8.13 12.73
CA ARG B 245 -0.98 -8.19 13.93
C ARG B 245 -0.87 -6.88 14.64
N LEU B 246 -0.91 -5.77 13.96
CA LEU B 246 -0.75 -4.44 14.56
C LEU B 246 -2.13 -3.78 14.61
N LYS B 247 -3.17 -4.61 14.54
CA LYS B 247 -4.55 -4.09 14.54
C LYS B 247 -4.88 -3.35 15.86
N LYS B 248 -4.44 -4.02 16.91
CA LYS B 248 -4.68 -3.44 18.26
C LYS B 248 -4.03 -2.08 18.35
N TRP B 249 -2.86 -1.78 17.85
CA TRP B 249 -2.31 -0.40 17.91
C TRP B 249 -3.14 0.58 17.09
N ILE B 250 -3.69 0.13 15.97
CA ILE B 250 -4.51 0.97 15.07
C ILE B 250 -5.78 1.51 15.75
N GLN B 251 -6.54 0.58 16.26
CA GLN B 251 -7.81 0.73 17.02
C GLN B 251 -7.53 1.72 18.17
N LYS B 252 -6.50 1.33 18.89
CA LYS B 252 -6.03 2.12 20.04
C LYS B 252 -5.88 3.60 19.68
N VAL B 253 -5.10 3.93 18.64
CA VAL B 253 -4.91 5.33 18.23
C VAL B 253 -6.19 5.95 17.66
N ILE B 254 -7.00 5.25 16.92
CA ILE B 254 -8.25 5.90 16.44
C ILE B 254 -9.20 6.10 17.62
N ASP B 255 -9.30 5.11 18.51
CA ASP B 255 -10.17 5.27 19.68
C ASP B 255 -9.71 6.52 20.43
N GLN B 256 -8.43 6.51 20.76
CA GLN B 256 -7.74 7.55 21.50
C GLN B 256 -7.74 8.84 20.67
N ASP C 3 8.83 17.45 -14.07
CA ASP C 3 8.18 16.14 -14.07
C ASP C 3 6.70 16.37 -13.69
N PHE C 4 6.59 16.66 -12.40
CA PHE C 4 5.30 16.94 -11.78
C PHE C 4 4.72 18.24 -12.30
N GLU C 5 3.44 18.20 -12.59
CA GLU C 5 2.77 19.46 -12.99
C GLU C 5 2.45 20.18 -11.69
N GLU C 6 2.28 21.48 -11.78
CA GLU C 6 2.00 22.42 -10.73
C GLU C 6 0.66 22.18 -10.03
N ILE C 7 0.67 22.31 -8.71
CA ILE C 7 -0.58 22.19 -7.95
C ILE C 7 -1.01 23.56 -7.43
N PRO C 8 -2.33 23.73 -7.35
CA PRO C 8 -2.89 25.00 -6.84
C PRO C 8 -2.33 25.35 -5.46
N GLU C 9 -1.75 26.54 -5.39
CA GLU C 9 -1.13 27.12 -4.18
C GLU C 9 -2.15 27.05 -3.04
N GLU C 10 -3.41 26.93 -3.45
CA GLU C 10 -4.51 26.80 -2.46
C GLU C 10 -4.05 25.73 -1.47
N TYS C 11 -3.38 24.75 -2.06
CA TYS C 11 -2.86 23.60 -1.32
CB TYS C 11 -2.77 22.46 -2.37
CG TYS C 11 -4.21 22.18 -2.80
CD1 TYS C 11 -5.13 21.94 -1.76
CD2 TYS C 11 -4.66 22.24 -4.09
CE1 TYS C 11 -6.47 21.67 -2.01
CE2 TYS C 11 -5.98 21.94 -4.35
CZ TYS C 11 -6.88 21.68 -3.32
OH TYS C 11 -8.19 21.38 -3.65
S TYS C 11 -8.49 19.89 -4.38
O1 TYS C 11 -7.43 19.71 -5.36
O2 TYS C 11 -8.47 19.09 -3.18
O3 TYS C 11 -9.79 19.98 -5.06
C TYS C 11 -1.61 23.85 -0.51
O TYS C 11 -1.65 23.60 0.72
N LEU C 12 -0.54 24.22 -1.16
CA LEU C 12 0.76 24.53 -0.55
C LEU C 12 0.61 25.55 0.59
C1 0ZI D . 17.38 -1.02 1.52
C2 0ZI D . 17.51 0.32 1.94
C3 0ZI D . 17.44 0.63 3.28
C4 0ZI D . 17.22 -0.40 4.22
C4A 0ZI D . 17.10 -1.72 3.82
C5 0ZI D . 16.91 -2.73 4.73
C6 0ZI D . 16.75 -4.03 4.32
C7 0ZI D . 16.87 -4.33 2.94
C8 0ZI D . 17.05 -3.34 2.00
C8A 0ZI D . 17.19 -2.04 2.42
N 0ZI D . 16.79 -2.41 6.09
CM1 0ZI D . 15.51 -2.37 6.84
CM2 0ZI D . 17.94 -3.07 7.02
S 0ZI D . 17.45 -1.36 -0.33
O1S 0ZI D . 17.76 -0.03 -0.93
O2S 0ZI D . 18.24 -2.46 -1.00
N1 0ZI D . 15.84 -1.75 -0.94
CA 0ZI D . 14.76 -0.77 -0.83
C 0ZI D . 14.12 -0.89 0.55
O 0ZI D . 14.00 -1.98 1.16
CB 0ZI D . 13.73 -1.05 -1.91
CG 0ZI D . 13.40 -1.49 -3.34
CD 0ZI D . 11.99 -1.50 -3.47
NE 0ZI D . 11.55 -2.93 -3.42
CZ 0ZI D . 10.63 -3.59 -2.78
NH1 0ZI D . 9.80 -2.87 -1.97
NH2 0ZI D . 10.55 -4.85 -2.91
N11 0ZI D . 14.02 0.33 1.31
C21 0ZI D . 13.27 0.07 2.65
C31 0ZI D . 13.61 1.18 3.65
C41 0ZI D . 13.50 2.61 2.92
C51 0ZI D . 14.30 2.76 1.51
C61 0ZI D . 13.90 1.66 0.50
C1' 0ZI D . 14.04 3.47 3.94
C2' 0ZI D . 13.87 5.00 3.70
#